data_7N8E
#
_entry.id   7N8E
#
_cell.length_a   134.692
_cell.length_b   63.283
_cell.length_c   81.228
_cell.angle_alpha   90.000
_cell.angle_beta   124.272
_cell.angle_gamma   90.000
#
_symmetry.space_group_name_H-M   'C 1 2 1'
#
loop_
_entity.id
_entity.type
_entity.pdbx_description
1 polymer "4'-phosphopantetheinyl transferase PptT"
2 non-polymer 'COENZYME A'
3 non-polymer 'MAGNESIUM ION'
4 non-polymer "N-[2,6-di(propan-2-yl)phenyl]-N'-(N-ethylcarbamimidoyl)urea"
5 non-polymer 'DIMETHYL SULFOXIDE'
6 water water
#
_entity_poly.entity_id   1
_entity_poly.type   'polypeptide(L)'
_entity_poly.pdbx_seq_one_letter_code
;MTVGTLVASVLPATVFEDLAYAELYSDPPGLTPLPEEAPLIARSVAKRRNEFITVRHCARIALDQLGVPPAPILKGDKGE
PCWPDGMVGSLTHCAGYRGAVVGRRDAVRSVGIDAEPHDVLPNGVLDAISLPAERADMPRTMPAALHWDRILFCAKEATY
KAWFPLTKRWLGFEDAHITFETDSTGWTGRFVSRILIDGSTLSGPPLTTLRGRWSVERGLVLTAIVLAGENLYFQSAGHH
HHHH
;
_entity_poly.pdbx_strand_id   A,B
#
loop_
_chem_comp.id
_chem_comp.type
_chem_comp.name
_chem_comp.formula
0UD non-polymer N-[2,6-di(propan-2-yl)phenyl]-N'-(N-ethylcarbamimidoyl)urea 'C16 H26 N4 O'
COA non-polymer 'COENZYME A' 'C21 H36 N7 O16 P3 S'
DMS non-polymer 'DIMETHYL SULFOXIDE' 'C2 H6 O S'
MG non-polymer 'MAGNESIUM ION' 'Mg 2'
#
# COMPACT_ATOMS: atom_id res chain seq x y z
C GLY A 4 27.62 -12.36 6.69
N THR A 5 27.69 -11.12 6.22
CA THR A 5 26.51 -10.27 6.21
C THR A 5 25.46 -10.81 5.24
N LEU A 6 24.22 -10.33 5.41
CA LEU A 6 23.14 -10.71 4.52
C LEU A 6 23.23 -9.96 3.19
N VAL A 7 23.62 -8.68 3.25
CA VAL A 7 23.63 -7.88 2.04
C VAL A 7 24.72 -8.30 1.08
N ALA A 8 25.80 -8.94 1.57
CA ALA A 8 26.87 -9.35 0.66
C ALA A 8 26.36 -10.36 -0.36
N SER A 9 25.37 -11.18 0.01
N SER A 9 25.37 -11.18 0.01
CA SER A 9 24.85 -12.20 -0.90
CA SER A 9 24.84 -12.20 -0.88
C SER A 9 24.14 -11.60 -2.11
C SER A 9 24.02 -11.63 -2.04
N VAL A 10 23.75 -10.33 -2.06
CA VAL A 10 23.02 -9.71 -3.16
C VAL A 10 23.84 -8.64 -3.85
N LEU A 11 25.13 -8.56 -3.59
CA LEU A 11 25.96 -7.55 -4.22
C LEU A 11 26.98 -8.21 -5.15
N PRO A 12 27.44 -7.50 -6.19
CA PRO A 12 28.49 -8.04 -7.06
C PRO A 12 29.83 -8.13 -6.34
C GLU A 17 36.30 0.34 -4.18
N ASP A 18 35.16 0.24 -4.86
CA ASP A 18 34.29 1.38 -5.08
C ASP A 18 32.90 1.20 -4.48
N LEU A 19 32.69 0.10 -3.76
CA LEU A 19 31.41 -0.22 -3.15
C LEU A 19 31.63 -0.71 -1.73
N ALA A 20 30.76 -0.30 -0.81
CA ALA A 20 30.90 -0.73 0.59
C ALA A 20 29.51 -0.85 1.20
N TYR A 21 29.45 -1.56 2.33
CA TYR A 21 28.17 -1.86 2.96
C TYR A 21 28.37 -2.08 4.46
N ALA A 22 27.27 -1.97 5.20
CA ALA A 22 27.25 -2.27 6.63
C ALA A 22 25.80 -2.53 7.03
N GLU A 23 25.63 -3.42 8.01
CA GLU A 23 24.27 -3.75 8.44
C GLU A 23 24.27 -4.14 9.91
N LEU A 24 23.13 -3.92 10.55
CA LEU A 24 22.91 -4.29 11.94
C LEU A 24 21.52 -4.90 12.07
N TYR A 25 21.34 -5.74 13.09
CA TYR A 25 20.10 -6.48 13.25
C TYR A 25 19.31 -6.04 14.47
N SER A 26 19.80 -5.03 15.19
CA SER A 26 19.12 -4.47 16.34
C SER A 26 19.52 -3.01 16.44
N ASP A 27 19.04 -2.34 17.48
CA ASP A 27 19.41 -0.94 17.70
C ASP A 27 20.35 -0.85 18.89
N PRO A 28 21.66 -0.80 18.69
CA PRO A 28 22.60 -0.87 19.81
C PRO A 28 22.42 0.32 20.73
N PRO A 29 22.57 0.10 22.03
CA PRO A 29 22.53 1.22 22.98
C PRO A 29 23.74 2.12 22.77
N GLY A 30 23.55 3.40 23.06
CA GLY A 30 24.60 4.38 22.98
C GLY A 30 24.58 5.22 21.71
N LEU A 31 24.16 4.63 20.59
CA LEU A 31 24.20 5.36 19.32
C LEU A 31 23.30 6.58 19.37
N THR A 32 23.80 7.67 18.82
CA THR A 32 23.09 8.94 18.73
C THR A 32 23.13 9.45 17.30
N PRO A 33 22.18 10.27 16.91
CA PRO A 33 22.29 10.93 15.61
C PRO A 33 23.39 11.99 15.69
N LEU A 34 23.99 12.27 14.53
CA LEU A 34 24.90 13.40 14.46
C LEU A 34 24.10 14.67 14.74
N PRO A 35 24.75 15.73 15.23
CA PRO A 35 23.99 16.96 15.53
C PRO A 35 23.16 17.46 14.35
N GLU A 36 23.69 17.36 13.13
CA GLU A 36 22.94 17.84 11.97
C GLU A 36 21.70 16.99 11.70
N GLU A 37 21.72 15.72 12.12
CA GLU A 37 20.59 14.83 11.86
C GLU A 37 19.50 14.94 12.92
N ALA A 38 19.85 15.34 14.13
CA ALA A 38 18.91 15.34 15.24
C ALA A 38 17.59 16.07 14.97
N PRO A 39 17.55 17.23 14.29
CA PRO A 39 16.24 17.87 14.06
C PRO A 39 15.27 17.02 13.25
N LEU A 40 15.77 16.09 12.41
CA LEU A 40 14.88 15.33 11.55
C LEU A 40 13.98 14.37 12.30
N ILE A 41 14.36 13.98 13.52
CA ILE A 41 13.58 13.00 14.27
C ILE A 41 13.18 13.57 15.63
N ALA A 42 13.09 14.90 15.72
CA ALA A 42 12.83 15.53 17.02
C ALA A 42 11.47 15.13 17.57
N ARG A 43 10.46 15.03 16.71
CA ARG A 43 9.11 14.67 17.16
C ARG A 43 8.72 13.25 16.74
N SER A 44 9.70 12.38 16.48
CA SER A 44 9.42 11.02 16.05
C SER A 44 9.30 10.08 17.24
N VAL A 45 8.51 9.03 17.06
CA VAL A 45 8.34 7.98 18.06
C VAL A 45 9.65 7.22 18.19
N ALA A 46 9.76 6.39 19.24
CA ALA A 46 11.01 5.70 19.53
C ALA A 46 11.39 4.72 18.43
N LYS A 47 10.42 3.98 17.89
CA LYS A 47 10.72 3.02 16.84
C LYS A 47 11.32 3.71 15.61
N ARG A 48 10.85 4.93 15.31
CA ARG A 48 11.36 5.65 14.15
C ARG A 48 12.73 6.26 14.43
N ARG A 49 12.93 6.83 15.63
N ARG A 49 12.92 6.83 15.63
CA ARG A 49 14.24 7.36 15.98
CA ARG A 49 14.24 7.36 16.00
C ARG A 49 15.30 6.27 15.94
C ARG A 49 15.29 6.26 15.94
N ASN A 50 14.98 5.09 16.50
CA ASN A 50 15.94 4.00 16.56
C ASN A 50 16.38 3.57 15.17
N GLU A 51 15.43 3.32 14.27
CA GLU A 51 15.79 2.87 12.94
C GLU A 51 16.55 3.95 12.17
N PHE A 52 16.16 5.22 12.36
CA PHE A 52 16.84 6.33 11.70
C PHE A 52 18.29 6.44 12.14
N ILE A 53 18.52 6.41 13.45
CA ILE A 53 19.87 6.53 13.99
C ILE A 53 20.71 5.32 13.59
N THR A 54 20.16 4.12 13.71
CA THR A 54 20.96 2.94 13.45
C THR A 54 21.33 2.83 11.97
N VAL A 55 20.38 3.11 11.06
CA VAL A 55 20.69 2.94 9.65
C VAL A 55 21.72 3.97 9.20
N ARG A 56 21.76 5.14 9.84
CA ARG A 56 22.75 6.13 9.44
C ARG A 56 24.12 5.86 10.03
N HIS A 57 24.18 5.22 11.19
CA HIS A 57 25.45 4.70 11.67
C HIS A 57 26.00 3.68 10.66
N CYS A 58 25.15 2.77 10.20
CA CYS A 58 25.55 1.83 9.14
C CYS A 58 26.05 2.57 7.91
N ALA A 59 25.34 3.64 7.50
CA ALA A 59 25.77 4.38 6.32
C ALA A 59 27.16 4.96 6.51
N ARG A 60 27.44 5.52 7.69
CA ARG A 60 28.76 6.09 7.97
C ARG A 60 29.84 5.02 8.05
N ILE A 61 29.52 3.84 8.58
CA ILE A 61 30.47 2.73 8.55
C ILE A 61 30.82 2.36 7.11
N ALA A 62 29.80 2.31 6.23
CA ALA A 62 30.07 2.00 4.83
C ALA A 62 30.84 3.12 4.15
N LEU A 63 30.46 4.38 4.41
CA LEU A 63 31.15 5.52 3.79
C LEU A 63 32.59 5.62 4.25
N ASP A 64 32.85 5.26 5.51
CA ASP A 64 34.22 5.28 6.02
C ASP A 64 35.11 4.32 5.24
N GLN A 65 34.57 3.18 4.80
N GLN A 65 34.58 3.17 4.82
CA GLN A 65 35.35 2.22 4.04
CA GLN A 65 35.36 2.22 4.04
C GLN A 65 35.82 2.80 2.71
C GLN A 65 35.84 2.83 2.73
N LEU A 66 35.05 3.72 2.15
CA LEU A 66 35.43 4.39 0.91
C LEU A 66 36.19 5.69 1.16
N GLY A 67 36.64 5.94 2.40
CA GLY A 67 37.45 7.11 2.67
C GLY A 67 36.70 8.40 2.91
N VAL A 68 35.41 8.35 3.18
CA VAL A 68 34.59 9.53 3.43
C VAL A 68 34.55 9.83 4.92
N PRO A 69 34.77 11.07 5.35
CA PRO A 69 34.70 11.39 6.78
C PRO A 69 33.28 11.21 7.31
N PRO A 70 33.12 10.99 8.61
CA PRO A 70 31.77 10.81 9.17
C PRO A 70 30.87 11.98 8.86
N ALA A 71 29.87 11.76 8.02
CA ALA A 71 29.03 12.83 7.54
C ALA A 71 27.58 12.57 7.89
N PRO A 72 26.78 13.61 8.12
CA PRO A 72 25.35 13.40 8.33
C PRO A 72 24.66 13.04 7.01
N ILE A 73 23.61 12.25 7.14
N ILE A 73 23.61 12.25 7.12
CA ILE A 73 22.79 11.83 6.01
CA ILE A 73 22.81 11.84 5.98
C ILE A 73 21.43 12.52 6.12
C ILE A 73 21.45 12.52 6.12
N LEU A 74 21.28 13.66 5.46
CA LEU A 74 20.02 14.40 5.52
C LEU A 74 19.06 13.85 4.46
N LYS A 75 17.88 14.46 4.35
CA LYS A 75 16.84 13.98 3.47
C LYS A 75 16.43 15.05 2.48
N GLY A 76 16.10 14.64 1.26
CA GLY A 76 15.63 15.53 0.23
C GLY A 76 14.14 15.80 0.34
N ASP A 77 13.61 16.46 -0.70
CA ASP A 77 12.22 16.89 -0.69
C ASP A 77 11.27 15.70 -0.62
N LYS A 78 11.61 14.60 -1.28
CA LYS A 78 10.78 13.41 -1.27
C LYS A 78 11.22 12.38 -0.22
N GLY A 79 12.12 12.78 0.67
CA GLY A 79 12.64 11.88 1.68
C GLY A 79 13.85 11.08 1.26
N GLU A 80 14.35 11.27 0.05
CA GLU A 80 15.50 10.52 -0.41
C GLU A 80 16.76 10.95 0.36
N PRO A 81 17.67 10.02 0.61
CA PRO A 81 18.88 10.38 1.36
C PRO A 81 19.80 11.28 0.55
N CYS A 82 20.51 12.17 1.25
CA CYS A 82 21.47 13.08 0.64
C CYS A 82 22.88 12.62 0.97
N TRP A 83 23.61 12.15 -0.03
CA TRP A 83 24.92 11.55 0.16
C TRP A 83 26.03 12.59 0.05
N PRO A 84 27.19 12.30 0.65
CA PRO A 84 28.35 13.17 0.46
C PRO A 84 28.72 13.28 -1.02
N ASP A 85 29.44 14.36 -1.34
CA ASP A 85 29.84 14.63 -2.71
C ASP A 85 30.56 13.42 -3.32
N GLY A 86 30.18 13.08 -4.54
CA GLY A 86 30.81 11.99 -5.25
C GLY A 86 30.39 10.60 -4.82
N MET A 87 29.37 10.49 -3.96
N MET A 87 29.38 10.48 -3.96
CA MET A 87 28.90 9.22 -3.45
CA MET A 87 28.93 9.19 -3.46
C MET A 87 27.46 8.99 -3.86
C MET A 87 27.45 8.98 -3.77
N VAL A 88 27.07 7.71 -3.91
CA VAL A 88 25.69 7.30 -4.10
C VAL A 88 25.46 6.17 -3.11
N GLY A 89 24.19 5.85 -2.85
CA GLY A 89 23.93 4.78 -1.90
C GLY A 89 22.45 4.54 -1.71
N SER A 90 22.14 3.56 -0.85
CA SER A 90 20.76 3.27 -0.50
C SER A 90 20.70 2.76 0.93
N LEU A 91 19.58 3.03 1.58
CA LEU A 91 19.32 2.63 2.96
C LEU A 91 18.04 1.83 3.03
N THR A 92 17.97 0.91 3.99
CA THR A 92 16.72 0.20 4.23
C THR A 92 16.67 -0.23 5.68
N HIS A 93 15.46 -0.23 6.25
CA HIS A 93 15.24 -0.76 7.59
C HIS A 93 13.89 -1.46 7.65
N CYS A 94 13.88 -2.63 8.27
CA CYS A 94 12.64 -3.29 8.61
C CYS A 94 12.82 -3.95 9.97
N ALA A 95 11.80 -4.68 10.41
CA ALA A 95 11.92 -5.42 11.66
C ALA A 95 13.16 -6.29 11.66
N GLY A 96 14.08 -6.02 12.58
CA GLY A 96 15.27 -6.83 12.68
C GLY A 96 16.36 -6.58 11.66
N TYR A 97 16.31 -5.46 10.94
CA TYR A 97 17.34 -5.21 9.94
C TYR A 97 17.50 -3.71 9.69
N ARG A 98 18.76 -3.27 9.65
CA ARG A 98 19.13 -1.96 9.13
C ARG A 98 20.33 -2.16 8.22
N GLY A 99 20.32 -1.55 7.05
CA GLY A 99 21.37 -1.80 6.08
C GLY A 99 21.64 -0.59 5.20
N ALA A 100 22.89 -0.44 4.81
CA ALA A 100 23.37 0.64 3.95
C ALA A 100 24.34 0.09 2.92
N VAL A 101 24.20 0.52 1.68
CA VAL A 101 25.18 0.23 0.63
C VAL A 101 25.52 1.54 -0.05
N VAL A 102 26.82 1.83 -0.19
CA VAL A 102 27.28 3.09 -0.75
C VAL A 102 28.32 2.81 -1.83
N GLY A 103 28.42 3.72 -2.78
CA GLY A 103 29.36 3.55 -3.87
C GLY A 103 29.96 4.88 -4.29
N ARG A 104 31.14 4.78 -4.91
CA ARG A 104 31.79 5.94 -5.51
C ARG A 104 31.17 6.22 -6.88
N ARG A 105 30.73 7.46 -7.08
CA ARG A 105 29.94 7.79 -8.27
C ARG A 105 30.73 7.59 -9.56
N ASP A 106 32.06 7.72 -9.50
CA ASP A 106 32.88 7.50 -10.69
C ASP A 106 32.66 6.10 -11.27
N ALA A 107 32.48 5.11 -10.40
CA ALA A 107 32.31 3.73 -10.83
C ALA A 107 30.90 3.19 -10.64
N VAL A 108 30.11 3.79 -9.76
CA VAL A 108 28.79 3.29 -9.41
C VAL A 108 27.78 4.39 -9.69
N ARG A 109 26.89 4.15 -10.65
CA ARG A 109 25.94 5.18 -11.05
C ARG A 109 24.82 5.33 -10.02
N SER A 110 24.33 4.22 -9.48
CA SER A 110 23.23 4.28 -8.54
C SER A 110 23.17 2.96 -7.77
N VAL A 111 22.57 3.03 -6.59
CA VAL A 111 22.35 1.85 -5.76
C VAL A 111 20.93 1.88 -5.23
N GLY A 112 20.27 0.73 -5.22
CA GLY A 112 19.02 0.57 -4.53
C GLY A 112 18.95 -0.75 -3.78
N ILE A 113 18.58 -0.72 -2.51
CA ILE A 113 18.50 -1.94 -1.71
C ILE A 113 17.18 -1.93 -0.95
N ASP A 114 16.69 -3.13 -0.61
CA ASP A 114 15.49 -3.22 0.22
C ASP A 114 15.57 -4.50 1.05
N ALA A 115 14.97 -4.43 2.24
CA ALA A 115 14.89 -5.57 3.13
C ALA A 115 13.48 -5.63 3.69
N GLU A 116 12.91 -6.83 3.76
CA GLU A 116 11.60 -7.05 4.34
C GLU A 116 11.61 -8.38 5.07
N PRO A 117 10.78 -8.53 6.10
CA PRO A 117 10.61 -9.87 6.69
C PRO A 117 10.09 -10.85 5.64
N HIS A 118 10.56 -12.08 5.71
CA HIS A 118 10.18 -13.11 4.74
C HIS A 118 8.86 -13.72 5.17
N ASP A 119 7.78 -12.97 4.92
CA ASP A 119 6.42 -13.33 5.28
C ASP A 119 5.54 -13.09 4.07
N VAL A 120 4.40 -13.79 4.04
CA VAL A 120 3.40 -13.52 3.01
C VAL A 120 2.99 -12.05 3.07
N LEU A 121 2.66 -11.48 1.91
CA LEU A 121 2.18 -10.11 1.89
C LEU A 121 0.82 -10.01 2.59
N PRO A 122 0.53 -8.87 3.22
CA PRO A 122 -0.81 -8.69 3.79
C PRO A 122 -1.86 -8.85 2.71
N ASN A 123 -3.06 -9.27 3.11
CA ASN A 123 -4.12 -9.51 2.15
C ASN A 123 -4.32 -8.29 1.26
N GLY A 124 -4.47 -8.55 -0.05
CA GLY A 124 -4.79 -7.51 -1.03
C GLY A 124 -3.62 -6.73 -1.60
N VAL A 125 -2.43 -6.87 -1.02
CA VAL A 125 -1.30 -6.02 -1.42
C VAL A 125 -0.64 -6.54 -2.69
N LEU A 126 -0.56 -7.87 -2.85
CA LEU A 126 0.08 -8.44 -4.04
C LEU A 126 -0.53 -7.87 -5.31
N ASP A 127 -1.86 -7.81 -5.39
CA ASP A 127 -2.51 -7.31 -6.59
C ASP A 127 -2.20 -5.84 -6.84
N ALA A 128 -1.88 -5.08 -5.79
CA ALA A 128 -1.57 -3.66 -5.95
C ALA A 128 -0.12 -3.41 -6.34
N ILE A 129 0.76 -4.39 -6.23
CA ILE A 129 2.18 -4.17 -6.48
C ILE A 129 2.73 -5.00 -7.62
N SER A 130 1.91 -5.82 -8.28
CA SER A 130 2.40 -6.76 -9.27
C SER A 130 1.70 -6.55 -10.60
N LEU A 131 2.35 -6.99 -11.67
CA LEU A 131 1.72 -7.12 -12.98
C LEU A 131 1.19 -8.53 -13.16
N PRO A 132 0.18 -8.71 -14.03
CA PRO A 132 -0.36 -10.07 -14.23
C PRO A 132 0.67 -11.10 -14.63
N ALA A 133 1.59 -10.75 -15.55
CA ALA A 133 2.62 -11.71 -15.95
C ALA A 133 3.53 -12.08 -14.80
N GLU A 134 3.76 -11.17 -13.85
CA GLU A 134 4.58 -11.51 -12.71
C GLU A 134 3.90 -12.54 -11.82
N ARG A 135 2.61 -12.35 -11.54
CA ARG A 135 1.90 -13.32 -10.72
C ARG A 135 1.81 -14.67 -11.41
N ALA A 136 1.77 -14.69 -12.73
CA ALA A 136 1.66 -15.96 -13.45
C ALA A 136 3.00 -16.68 -13.54
N ASP A 137 4.09 -15.94 -13.79
CA ASP A 137 5.37 -16.57 -14.11
C ASP A 137 6.27 -16.79 -12.91
N MET A 138 6.20 -15.91 -11.91
CA MET A 138 7.20 -15.97 -10.85
C MET A 138 7.14 -17.23 -10.02
N PRO A 139 5.98 -17.76 -9.62
CA PRO A 139 5.97 -19.04 -8.89
C PRO A 139 6.64 -20.18 -9.62
N ARG A 140 6.77 -20.11 -10.94
CA ARG A 140 7.42 -21.18 -11.70
C ARG A 140 8.94 -21.04 -11.73
N THR A 141 9.47 -19.86 -11.39
CA THR A 141 10.90 -19.60 -11.45
C THR A 141 11.51 -19.53 -10.06
N MET A 142 10.70 -19.61 -9.02
CA MET A 142 11.10 -19.49 -7.63
C MET A 142 10.85 -20.80 -6.89
N PRO A 143 11.65 -21.08 -5.87
CA PRO A 143 11.49 -22.33 -5.11
C PRO A 143 10.15 -22.39 -4.39
N ALA A 144 9.59 -23.60 -4.32
CA ALA A 144 8.33 -23.80 -3.64
C ALA A 144 8.40 -23.30 -2.20
N ALA A 145 7.27 -22.76 -1.73
CA ALA A 145 7.01 -22.32 -0.35
C ALA A 145 7.71 -21.02 0.01
N LEU A 146 8.66 -20.52 -0.79
CA LEU A 146 9.20 -19.19 -0.52
C LEU A 146 8.13 -18.14 -0.84
N HIS A 147 8.16 -17.04 -0.10
CA HIS A 147 7.12 -16.02 -0.28
C HIS A 147 7.51 -15.13 -1.45
N TRP A 148 7.28 -15.67 -2.66
CA TRP A 148 7.63 -14.97 -3.88
C TRP A 148 6.92 -13.64 -4.00
N ASP A 149 5.73 -13.51 -3.39
CA ASP A 149 5.03 -12.23 -3.43
C ASP A 149 5.81 -11.17 -2.66
N ARG A 150 6.35 -11.53 -1.49
CA ARG A 150 7.16 -10.58 -0.73
C ARG A 150 8.46 -10.28 -1.43
N ILE A 151 9.07 -11.29 -2.07
CA ILE A 151 10.32 -11.09 -2.79
C ILE A 151 10.11 -10.17 -3.99
N LEU A 152 8.96 -10.30 -4.66
CA LEU A 152 8.63 -9.40 -5.75
C LEU A 152 8.52 -7.96 -5.26
N PHE A 153 7.81 -7.76 -4.15
CA PHE A 153 7.68 -6.42 -3.59
C PHE A 153 9.05 -5.83 -3.25
N CYS A 154 9.93 -6.63 -2.65
N CYS A 154 9.93 -6.62 -2.64
CA CYS A 154 11.27 -6.16 -2.31
CA CYS A 154 11.27 -6.11 -2.33
C CYS A 154 12.04 -5.74 -3.55
C CYS A 154 12.01 -5.70 -3.59
N ALA A 155 11.91 -6.48 -4.65
CA ALA A 155 12.60 -6.13 -5.88
C ALA A 155 12.03 -4.86 -6.48
N LYS A 156 10.71 -4.66 -6.39
CA LYS A 156 10.14 -3.38 -6.81
C LYS A 156 10.72 -2.22 -6.02
N GLU A 157 10.94 -2.42 -4.71
CA GLU A 157 11.41 -1.32 -3.88
C GLU A 157 12.87 -0.98 -4.20
N ALA A 158 13.73 -1.99 -4.36
CA ALA A 158 15.09 -1.72 -4.76
C ALA A 158 15.15 -1.02 -6.11
N THR A 159 14.24 -1.41 -7.03
CA THR A 159 14.19 -0.78 -8.34
C THR A 159 13.90 0.71 -8.22
N TYR A 160 12.86 1.07 -7.45
CA TYR A 160 12.53 2.48 -7.28
C TYR A 160 13.66 3.25 -6.62
N LYS A 161 14.33 2.63 -5.63
CA LYS A 161 15.38 3.34 -4.91
C LYS A 161 16.61 3.57 -5.78
N ALA A 162 16.87 2.69 -6.74
CA ALA A 162 17.97 2.92 -7.69
C ALA A 162 17.55 3.92 -8.76
N TRP A 163 16.27 3.91 -9.11
CA TRP A 163 15.72 4.75 -10.17
C TRP A 163 15.62 6.21 -9.76
N PHE A 164 15.08 6.47 -8.56
CA PHE A 164 14.71 7.85 -8.23
C PHE A 164 15.87 8.82 -8.19
N PRO A 165 17.04 8.49 -7.61
CA PRO A 165 18.14 9.47 -7.63
C PRO A 165 18.58 9.86 -9.02
N LEU A 166 18.31 9.04 -10.03
CA LEU A 166 18.74 9.31 -11.39
C LEU A 166 17.70 10.04 -12.23
N THR A 167 16.43 9.93 -11.86
CA THR A 167 15.34 10.54 -12.61
C THR A 167 14.58 11.60 -11.83
N LYS A 168 14.55 11.50 -10.51
CA LYS A 168 13.71 12.36 -9.66
C LYS A 168 12.24 12.29 -10.06
N ARG A 169 11.83 11.16 -10.63
CA ARG A 169 10.48 10.96 -11.11
C ARG A 169 9.82 9.75 -10.46
N TRP A 170 8.50 9.81 -10.37
CA TRP A 170 7.74 8.70 -9.83
C TRP A 170 7.87 7.48 -10.73
N LEU A 171 7.93 6.30 -10.11
CA LEU A 171 7.85 5.03 -10.81
C LEU A 171 6.80 4.21 -10.11
N GLY A 172 5.72 3.86 -10.83
CA GLY A 172 4.66 3.08 -10.24
C GLY A 172 4.97 1.60 -10.22
N PHE A 173 4.22 0.87 -9.39
CA PHE A 173 4.42 -0.58 -9.33
C PHE A 173 4.09 -1.25 -10.65
N GLU A 174 3.20 -0.64 -11.44
CA GLU A 174 2.89 -1.19 -12.75
C GLU A 174 3.89 -0.76 -13.82
N ASP A 175 4.84 0.09 -13.49
CA ASP A 175 5.78 0.65 -14.46
C ASP A 175 7.08 -0.14 -14.58
N ALA A 176 7.22 -1.24 -13.84
CA ALA A 176 8.41 -2.07 -13.93
C ALA A 176 7.99 -3.53 -13.96
N HIS A 177 8.46 -4.26 -14.96
CA HIS A 177 8.22 -5.69 -15.06
C HIS A 177 9.49 -6.42 -14.65
N ILE A 178 9.38 -7.28 -13.64
CA ILE A 178 10.55 -7.91 -13.03
C ILE A 178 10.50 -9.41 -13.26
N THR A 179 11.60 -9.97 -13.77
N THR A 179 11.59 -9.97 -13.78
CA THR A 179 11.73 -11.39 -14.05
CA THR A 179 11.71 -11.40 -14.03
C THR A 179 12.83 -11.96 -13.17
C THR A 179 12.82 -11.97 -13.16
N PHE A 180 12.61 -13.19 -12.67
CA PHE A 180 13.49 -13.78 -11.68
C PHE A 180 14.16 -15.05 -12.18
N GLU A 181 15.33 -15.33 -11.62
CA GLU A 181 16.01 -16.61 -11.72
C GLU A 181 16.47 -17.03 -10.34
N THR A 182 16.66 -18.33 -10.14
CA THR A 182 17.11 -18.87 -8.87
C THR A 182 18.45 -19.58 -9.06
N ASP A 183 19.40 -19.29 -8.20
CA ASP A 183 20.67 -20.02 -8.19
C ASP A 183 20.43 -21.48 -7.81
N SER A 184 21.47 -22.31 -7.98
N SER A 184 21.46 -22.30 -7.99
CA SER A 184 21.37 -23.71 -7.62
CA SER A 184 21.37 -23.71 -7.62
C SER A 184 21.20 -23.92 -6.13
C SER A 184 21.18 -23.91 -6.12
N THR A 185 21.59 -22.94 -5.30
CA THR A 185 21.46 -23.09 -3.85
C THR A 185 20.00 -23.03 -3.40
N GLY A 186 19.13 -22.35 -4.16
CA GLY A 186 17.72 -22.34 -3.88
C GLY A 186 17.21 -21.19 -3.06
N TRP A 187 18.09 -20.40 -2.44
CA TRP A 187 17.65 -19.30 -1.58
C TRP A 187 18.23 -17.96 -2.01
N THR A 188 18.91 -17.91 -3.15
CA THR A 188 19.41 -16.66 -3.74
C THR A 188 19.19 -16.72 -5.25
N GLY A 189 19.26 -15.56 -5.89
CA GLY A 189 19.12 -15.54 -7.33
C GLY A 189 19.25 -14.13 -7.88
N ARG A 190 18.95 -14.02 -9.16
CA ARG A 190 19.04 -12.76 -9.89
C ARG A 190 17.65 -12.31 -10.32
N PHE A 191 17.51 -11.00 -10.56
CA PHE A 191 16.33 -10.49 -11.22
C PHE A 191 16.72 -9.39 -12.20
N VAL A 192 15.81 -9.14 -13.13
CA VAL A 192 15.98 -8.06 -14.10
C VAL A 192 14.69 -7.26 -14.07
N SER A 193 14.79 -5.97 -13.77
CA SER A 193 13.65 -5.06 -13.81
C SER A 193 13.66 -4.29 -15.12
N ARG A 194 12.59 -4.41 -15.90
CA ARG A 194 12.48 -3.68 -17.16
C ARG A 194 11.52 -2.52 -16.96
N ILE A 195 12.03 -1.31 -17.18
CA ILE A 195 11.22 -0.12 -17.02
C ILE A 195 10.31 0.01 -18.24
N LEU A 196 9.02 0.18 -18.00
CA LEU A 196 8.07 0.21 -19.10
C LEU A 196 7.75 1.62 -19.55
N ILE A 197 8.07 2.63 -18.74
CA ILE A 197 7.80 4.02 -19.07
C ILE A 197 9.09 4.64 -19.57
N ASP A 198 9.06 5.94 -19.85
CA ASP A 198 10.23 6.65 -20.34
C ASP A 198 11.31 6.66 -19.27
N GLY A 199 12.52 6.24 -19.62
CA GLY A 199 13.57 6.12 -18.62
C GLY A 199 14.62 7.21 -18.68
N SER A 200 14.29 8.36 -19.26
CA SER A 200 15.24 9.46 -19.35
C SER A 200 15.71 9.88 -17.97
N THR A 201 17.01 10.13 -17.85
CA THR A 201 17.63 10.48 -16.58
C THR A 201 18.18 11.90 -16.65
N LEU A 202 18.45 12.47 -15.47
CA LEU A 202 19.00 13.82 -15.41
C LEU A 202 20.32 13.91 -16.15
N SER A 203 21.16 12.88 -16.05
CA SER A 203 22.40 12.81 -16.80
C SER A 203 22.66 11.37 -17.20
N GLY A 204 23.45 11.19 -18.26
CA GLY A 204 23.80 9.87 -18.71
C GLY A 204 22.69 9.22 -19.53
N PRO A 205 22.88 7.94 -19.86
CA PRO A 205 21.94 7.25 -20.76
C PRO A 205 20.66 6.87 -20.03
N PRO A 206 19.56 6.71 -20.77
CA PRO A 206 18.29 6.39 -20.11
C PRO A 206 18.29 5.00 -19.49
N LEU A 207 17.50 4.84 -18.43
CA LEU A 207 17.38 3.54 -17.79
C LEU A 207 16.38 2.69 -18.55
N THR A 208 16.78 1.47 -18.89
CA THR A 208 15.90 0.50 -19.54
C THR A 208 15.74 -0.74 -18.69
N THR A 209 16.82 -1.50 -18.47
CA THR A 209 16.79 -2.70 -17.64
C THR A 209 17.73 -2.50 -16.46
N LEU A 210 17.28 -2.90 -15.27
CA LEU A 210 18.08 -2.83 -14.07
C LEU A 210 18.24 -4.25 -13.54
N ARG A 211 19.49 -4.70 -13.43
CA ARG A 211 19.77 -6.05 -13.00
C ARG A 211 20.10 -6.04 -11.51
N GLY A 212 19.54 -6.99 -10.78
CA GLY A 212 19.78 -7.07 -9.35
C GLY A 212 19.86 -8.48 -8.84
N ARG A 213 19.95 -8.63 -7.52
CA ARG A 213 20.01 -9.93 -6.87
C ARG A 213 19.05 -9.96 -5.69
N TRP A 214 18.59 -11.16 -5.36
CA TRP A 214 17.69 -11.37 -4.24
C TRP A 214 18.23 -12.51 -3.37
N SER A 215 17.83 -12.51 -2.10
CA SER A 215 18.27 -13.52 -1.16
C SER A 215 17.25 -13.63 -0.05
N VAL A 216 17.00 -14.86 0.40
CA VAL A 216 16.18 -15.11 1.57
C VAL A 216 17.08 -15.79 2.61
N GLU A 217 17.19 -15.18 3.79
CA GLU A 217 18.08 -15.70 4.82
C GLU A 217 17.70 -15.09 6.16
N ARG A 218 17.66 -15.94 7.20
N ARG A 218 17.66 -15.94 7.20
CA ARG A 218 17.41 -15.50 8.58
CA ARG A 218 17.41 -15.51 8.57
C ARG A 218 16.07 -14.78 8.73
C ARG A 218 16.08 -14.77 8.72
N GLY A 219 15.07 -15.25 7.99
CA GLY A 219 13.75 -14.65 8.07
C GLY A 219 13.60 -13.35 7.32
N LEU A 220 14.55 -13.03 6.45
CA LEU A 220 14.55 -11.75 5.76
C LEU A 220 14.72 -11.96 4.27
N VAL A 221 14.09 -11.07 3.50
CA VAL A 221 14.35 -10.93 2.08
C VAL A 221 15.24 -9.71 1.89
N LEU A 222 16.34 -9.87 1.15
CA LEU A 222 17.17 -8.75 0.74
C LEU A 222 17.21 -8.69 -0.78
N THR A 223 17.18 -7.47 -1.31
CA THR A 223 17.37 -7.24 -2.73
C THR A 223 18.34 -6.07 -2.89
N ALA A 224 19.10 -6.09 -3.97
CA ALA A 224 19.98 -4.96 -4.24
C ALA A 224 20.17 -4.83 -5.74
N ILE A 225 20.27 -3.58 -6.20
CA ILE A 225 20.63 -3.23 -7.57
C ILE A 225 21.84 -2.32 -7.50
N VAL A 226 22.88 -2.64 -8.27
CA VAL A 226 24.05 -1.79 -8.38
C VAL A 226 24.25 -1.50 -9.86
N LEU A 227 24.06 -0.25 -10.26
CA LEU A 227 24.20 0.15 -11.66
C LEU A 227 25.61 0.69 -11.88
N ALA A 228 26.34 0.07 -12.80
CA ALA A 228 27.71 0.49 -13.05
C ALA A 228 27.75 1.84 -13.76
N GLY A 229 28.78 2.62 -13.47
CA GLY A 229 28.97 3.91 -14.11
C GLY A 229 29.59 3.76 -15.49
N THR B 5 -26.36 8.28 12.86
CA THR B 5 -25.18 7.53 12.48
C THR B 5 -24.25 8.33 11.57
N LEU B 6 -22.99 7.88 11.45
CA LEU B 6 -22.05 8.54 10.56
C LEU B 6 -22.31 8.20 9.11
N VAL B 7 -22.65 6.94 8.82
CA VAL B 7 -22.81 6.54 7.43
C VAL B 7 -24.04 7.17 6.79
N ALA B 8 -25.03 7.57 7.59
CA ALA B 8 -26.21 8.19 6.99
C ALA B 8 -25.87 9.48 6.26
N SER B 9 -24.81 10.17 6.66
N SER B 9 -24.81 10.17 6.67
CA SER B 9 -24.42 11.42 6.01
CA SER B 9 -24.43 11.42 5.99
C SER B 9 -23.83 11.22 4.62
C SER B 9 -23.93 11.20 4.57
N VAL B 10 -23.54 9.98 4.21
CA VAL B 10 -23.02 9.71 2.89
C VAL B 10 -23.99 8.88 2.04
N LEU B 11 -25.23 8.73 2.48
CA LEU B 11 -26.19 7.93 1.75
C LEU B 11 -27.33 8.79 1.22
N PRO B 12 -27.97 8.39 0.11
CA PRO B 12 -29.14 9.10 -0.40
C PRO B 12 -30.36 8.98 0.50
CA GLU B 17 -37.39 0.54 1.77
C GLU B 17 -36.45 -0.47 1.13
N ASP B 18 -35.48 0.02 0.36
CA ASP B 18 -34.56 -0.85 -0.37
C ASP B 18 -33.10 -0.68 0.04
N LEU B 19 -32.80 0.17 1.01
CA LEU B 19 -31.44 0.37 1.49
C LEU B 19 -31.48 0.43 3.00
N ALA B 20 -30.50 -0.21 3.65
CA ALA B 20 -30.42 -0.22 5.11
C ALA B 20 -28.95 -0.22 5.52
N TYR B 21 -28.70 0.14 6.79
CA TYR B 21 -27.33 0.30 7.28
C TYR B 21 -27.29 0.09 8.78
N ALA B 22 -26.08 -0.19 9.27
CA ALA B 22 -25.83 -0.32 10.70
C ALA B 22 -24.34 -0.12 10.94
N GLU B 23 -24.00 0.43 12.10
CA GLU B 23 -22.60 0.70 12.40
C GLU B 23 -22.38 0.60 13.91
N LEU B 24 -21.15 0.26 14.29
CA LEU B 24 -20.71 0.20 15.67
C LEU B 24 -19.32 0.80 15.75
N TYR B 25 -18.97 1.30 16.94
CA TYR B 25 -17.70 1.99 17.15
C TYR B 25 -16.75 1.20 18.04
N SER B 26 -17.12 0.00 18.45
CA SER B 26 -16.27 -0.87 19.25
C SER B 26 -16.65 -2.31 18.93
N ASP B 27 -16.02 -3.24 19.64
CA ASP B 27 -16.32 -4.66 19.46
C ASP B 27 -17.06 -5.15 20.69
N PRO B 28 -18.39 -5.20 20.66
CA PRO B 28 -19.16 -5.52 21.85
C PRO B 28 -18.88 -6.92 22.33
N PRO B 29 -18.87 -7.13 23.64
CA PRO B 29 -18.73 -8.49 24.16
C PRO B 29 -19.97 -9.32 23.85
N GLY B 30 -19.76 -10.62 23.71
CA GLY B 30 -20.83 -11.56 23.49
C GLY B 30 -21.01 -11.98 22.05
N LEU B 31 -20.72 -11.09 21.10
CA LEU B 31 -20.99 -11.40 19.70
C LEU B 31 -20.16 -12.58 19.21
N THR B 32 -20.80 -13.44 18.44
CA THR B 32 -20.18 -14.62 17.87
C THR B 32 -20.43 -14.66 16.37
N PRO B 33 -19.56 -15.33 15.61
CA PRO B 33 -19.87 -15.55 14.19
C PRO B 33 -20.92 -16.64 14.04
N LEU B 34 -21.67 -16.56 12.94
CA LEU B 34 -22.54 -17.66 12.58
C LEU B 34 -21.68 -18.89 12.27
N PRO B 35 -22.24 -20.10 12.42
CA PRO B 35 -21.43 -21.32 12.21
C PRO B 35 -20.72 -21.38 10.87
N GLU B 36 -21.38 -20.96 9.79
CA GLU B 36 -20.72 -21.02 8.48
C GLU B 36 -19.58 -20.02 8.39
N GLU B 37 -19.62 -18.94 9.17
CA GLU B 37 -18.59 -17.91 9.11
C GLU B 37 -17.37 -18.25 9.94
N ALA B 38 -17.54 -19.02 11.02
CA ALA B 38 -16.44 -19.31 11.92
C ALA B 38 -15.19 -19.87 11.25
N PRO B 39 -15.28 -20.78 10.25
CA PRO B 39 -14.05 -21.27 9.62
C PRO B 39 -13.22 -20.17 8.97
N LEU B 40 -13.85 -19.06 8.57
CA LEU B 40 -13.12 -18.01 7.86
C LEU B 40 -12.15 -17.27 8.78
N ILE B 41 -12.36 -17.32 10.09
CA ILE B 41 -11.48 -16.63 11.03
C ILE B 41 -10.92 -17.59 12.07
N ALA B 42 -10.85 -18.88 11.74
CA ALA B 42 -10.47 -19.88 12.73
C ALA B 42 -9.04 -19.67 13.22
N ARG B 43 -8.13 -19.31 12.32
CA ARG B 43 -6.73 -19.09 12.67
C ARG B 43 -6.33 -17.63 12.64
N SER B 44 -7.29 -16.72 12.79
CA SER B 44 -7.03 -15.29 12.75
C SER B 44 -6.70 -14.77 14.14
N VAL B 45 -5.93 -13.68 14.18
CA VAL B 45 -5.59 -13.01 15.44
C VAL B 45 -6.85 -12.40 16.03
N ALA B 46 -6.78 -11.98 17.29
CA ALA B 46 -7.97 -11.52 17.99
C ALA B 46 -8.53 -10.24 17.37
N LYS B 47 -7.65 -9.31 17.00
CA LYS B 47 -8.11 -8.07 16.38
C LYS B 47 -8.86 -8.33 15.09
N ARG B 48 -8.42 -9.35 14.33
CA ARG B 48 -9.10 -9.67 13.08
C ARG B 48 -10.41 -10.39 13.33
N ARG B 49 -10.43 -11.36 14.26
CA ARG B 49 -11.69 -11.98 14.63
C ARG B 49 -12.72 -10.95 15.07
N ASN B 50 -12.32 -10.00 15.91
CA ASN B 50 -13.27 -9.05 16.47
C ASN B 50 -13.90 -8.20 15.39
N GLU B 51 -13.10 -7.62 14.49
CA GLU B 51 -13.67 -6.76 13.45
C GLU B 51 -14.56 -7.57 12.52
N PHE B 52 -14.17 -8.82 12.22
CA PHE B 52 -14.96 -9.67 11.34
C PHE B 52 -16.32 -9.97 11.93
N ILE B 53 -16.34 -10.36 13.21
CA ILE B 53 -17.60 -10.69 13.89
C ILE B 53 -18.48 -9.47 14.00
N THR B 54 -17.89 -8.34 14.40
CA THR B 54 -18.69 -7.14 14.62
C THR B 54 -19.25 -6.59 13.32
N VAL B 55 -18.46 -6.57 12.24
CA VAL B 55 -19.01 -6.00 11.02
C VAL B 55 -20.10 -6.89 10.44
N ARG B 56 -20.04 -8.21 10.68
CA ARG B 56 -21.09 -9.05 10.15
C ARG B 56 -22.35 -9.00 11.01
N HIS B 57 -22.20 -8.74 12.31
CA HIS B 57 -23.38 -8.41 13.11
C HIS B 57 -24.06 -7.18 12.54
N CYS B 58 -23.28 -6.14 12.23
CA CYS B 58 -23.82 -4.96 11.57
C CYS B 58 -24.54 -5.31 10.28
N ALA B 59 -23.93 -6.18 9.46
CA ALA B 59 -24.59 -6.56 8.21
C ALA B 59 -25.93 -7.24 8.47
N ARG B 60 -25.98 -8.12 9.46
CA ARG B 60 -27.22 -8.81 9.77
C ARG B 60 -28.28 -7.88 10.34
N ILE B 61 -27.87 -6.87 11.12
CA ILE B 61 -28.81 -5.85 11.57
C ILE B 61 -29.40 -5.11 10.38
N ALA B 62 -28.56 -4.77 9.40
CA ALA B 62 -29.05 -4.08 8.20
C ALA B 62 -29.92 -4.98 7.35
N LEU B 63 -29.51 -6.24 7.16
CA LEU B 63 -30.32 -7.15 6.37
C LEU B 63 -31.66 -7.43 7.04
N ASP B 64 -31.68 -7.47 8.37
CA ASP B 64 -32.94 -7.68 9.09
C ASP B 64 -33.95 -6.57 8.80
N GLN B 65 -33.47 -5.33 8.62
N GLN B 65 -33.48 -5.32 8.64
CA GLN B 65 -34.37 -4.24 8.28
CA GLN B 65 -34.39 -4.25 8.29
C GLN B 65 -35.02 -4.44 6.92
C GLN B 65 -35.05 -4.50 6.94
N LEU B 66 -34.34 -5.15 6.02
CA LEU B 66 -34.89 -5.46 4.71
C LEU B 66 -35.63 -6.79 4.71
N GLY B 67 -35.88 -7.37 5.89
CA GLY B 67 -36.66 -8.58 6.01
C GLY B 67 -35.89 -9.87 5.78
N VAL B 68 -34.56 -9.82 5.81
CA VAL B 68 -33.75 -11.02 5.57
C VAL B 68 -33.44 -11.72 6.89
N PRO B 69 -33.66 -13.03 7.00
CA PRO B 69 -33.31 -13.75 8.22
C PRO B 69 -31.80 -13.72 8.43
N PRO B 70 -31.35 -13.89 9.69
CA PRO B 70 -29.90 -13.88 9.96
C PRO B 70 -29.16 -14.91 9.12
N ALA B 71 -28.33 -14.43 8.21
CA ALA B 71 -27.63 -15.28 7.26
C ALA B 71 -26.14 -15.09 7.40
N PRO B 72 -25.35 -16.13 7.12
CA PRO B 72 -23.90 -15.97 7.14
C PRO B 72 -23.43 -15.17 5.92
N ILE B 73 -22.45 -14.31 6.14
N ILE B 73 -22.46 -14.30 6.14
CA ILE B 73 -21.83 -13.53 5.09
CA ILE B 73 -21.84 -13.53 5.08
C ILE B 73 -20.47 -14.14 4.83
C ILE B 73 -20.48 -14.15 4.83
N LEU B 74 -20.38 -14.99 3.80
CA LEU B 74 -19.15 -15.66 3.47
C LEU B 74 -18.33 -14.81 2.52
N LYS B 75 -17.20 -15.35 2.06
CA LYS B 75 -16.27 -14.62 1.22
C LYS B 75 -16.02 -15.37 -0.07
N GLY B 76 -15.85 -14.61 -1.16
CA GLY B 76 -15.53 -15.18 -2.45
C GLY B 76 -14.03 -15.38 -2.62
N ASP B 77 -13.63 -15.70 -3.85
CA ASP B 77 -12.24 -16.04 -4.11
C ASP B 77 -11.30 -14.87 -3.82
N LYS B 78 -11.76 -13.64 -4.09
CA LYS B 78 -10.95 -12.46 -3.83
C LYS B 78 -11.24 -11.82 -2.48
N GLY B 79 -11.99 -12.51 -1.62
CA GLY B 79 -12.35 -11.98 -0.32
C GLY B 79 -13.61 -11.14 -0.32
N GLU B 80 -14.28 -11.00 -1.47
CA GLU B 80 -15.49 -10.20 -1.52
C GLU B 80 -16.60 -10.89 -0.71
N PRO B 81 -17.45 -10.12 -0.03
CA PRO B 81 -18.52 -10.74 0.77
C PRO B 81 -19.59 -11.36 -0.13
N CYS B 82 -20.16 -12.46 0.35
CA CYS B 82 -21.24 -13.15 -0.38
C CYS B 82 -22.57 -12.87 0.32
N TRP B 83 -23.45 -12.12 -0.35
CA TRP B 83 -24.70 -11.66 0.24
C TRP B 83 -25.83 -12.65 -0.01
N PRO B 84 -26.86 -12.64 0.82
CA PRO B 84 -28.04 -13.48 0.55
C PRO B 84 -28.66 -13.14 -0.79
N ASP B 85 -29.36 -14.13 -1.35
CA ASP B 85 -29.97 -13.97 -2.67
C ASP B 85 -30.82 -12.71 -2.73
N GLY B 86 -30.67 -11.97 -3.82
CA GLY B 86 -31.41 -10.75 -4.03
C GLY B 86 -30.89 -9.54 -3.30
N MET B 87 -29.74 -9.65 -2.64
N MET B 87 -29.76 -9.65 -2.62
CA MET B 87 -29.19 -8.55 -1.84
CA MET B 87 -29.19 -8.54 -1.85
C MET B 87 -27.79 -8.20 -2.32
C MET B 87 -27.81 -8.18 -2.37
N VAL B 88 -27.43 -6.93 -2.16
CA VAL B 88 -26.09 -6.43 -2.41
C VAL B 88 -25.67 -5.62 -1.17
N GLY B 89 -24.38 -5.37 -1.04
CA GLY B 89 -23.94 -4.64 0.14
C GLY B 89 -22.45 -4.38 0.14
N SER B 90 -22.01 -3.69 1.19
CA SER B 90 -20.58 -3.43 1.39
C SER B 90 -20.29 -3.35 2.87
N LEU B 91 -19.06 -3.73 3.24
CA LEU B 91 -18.60 -3.74 4.63
C LEU B 91 -17.31 -2.95 4.74
N THR B 92 -17.09 -2.35 5.91
CA THR B 92 -15.81 -1.68 6.17
C THR B 92 -15.55 -1.67 7.67
N HIS B 93 -14.27 -1.79 8.03
CA HIS B 93 -13.84 -1.65 9.41
C HIS B 93 -12.49 -0.95 9.47
N CYS B 94 -12.37 0.03 10.36
CA CYS B 94 -11.09 0.62 10.68
C CYS B 94 -11.07 0.86 12.18
N ALA B 95 -9.98 1.46 12.67
CA ALA B 95 -9.90 1.81 14.07
C ALA B 95 -11.12 2.63 14.48
N GLY B 96 -11.89 2.09 15.42
CA GLY B 96 -13.05 2.79 15.94
C GLY B 96 -14.28 2.79 15.05
N TYR B 97 -14.35 1.92 14.05
CA TYR B 97 -15.54 1.91 13.20
C TYR B 97 -15.74 0.54 12.56
N ARG B 98 -16.99 0.07 12.59
CA ARG B 98 -17.45 -1.05 11.79
C ARG B 98 -18.78 -0.67 11.16
N GLY B 99 -18.94 -0.95 9.88
CA GLY B 99 -20.14 -0.48 9.18
C GLY B 99 -20.55 -1.39 8.06
N ALA B 100 -21.85 -1.47 7.84
CA ALA B 100 -22.43 -2.27 6.77
C ALA B 100 -23.56 -1.48 6.13
N VAL B 101 -23.63 -1.53 4.80
CA VAL B 101 -24.75 -0.98 4.05
C VAL B 101 -25.21 -2.03 3.06
N VAL B 102 -26.50 -2.32 3.04
CA VAL B 102 -27.05 -3.39 2.20
C VAL B 102 -28.22 -2.84 1.42
N GLY B 103 -28.48 -3.44 0.27
CA GLY B 103 -29.57 -2.99 -0.57
C GLY B 103 -30.25 -4.16 -1.23
N ARG B 104 -31.50 -3.93 -1.61
CA ARG B 104 -32.23 -4.91 -2.40
C ARG B 104 -31.80 -4.78 -3.86
N ARG B 105 -31.39 -5.89 -4.47
CA ARG B 105 -30.76 -5.84 -5.79
C ARG B 105 -31.73 -5.32 -6.86
N ASP B 106 -33.03 -5.50 -6.66
CA ASP B 106 -34.00 -4.98 -7.63
C ASP B 106 -33.88 -3.47 -7.77
N ALA B 107 -33.58 -2.77 -6.68
CA ALA B 107 -33.50 -1.31 -6.69
C ALA B 107 -32.08 -0.78 -6.60
N VAL B 108 -31.14 -1.59 -6.11
CA VAL B 108 -29.77 -1.16 -5.87
C VAL B 108 -28.84 -2.10 -6.63
N ARG B 109 -28.11 -1.55 -7.60
CA ARG B 109 -27.24 -2.39 -8.40
C ARG B 109 -25.98 -2.79 -7.63
N SER B 110 -25.41 -1.85 -6.88
CA SER B 110 -24.17 -2.13 -6.17
C SER B 110 -23.99 -1.09 -5.07
N VAL B 111 -23.24 -1.46 -4.04
CA VAL B 111 -22.89 -0.57 -2.95
C VAL B 111 -21.40 -0.73 -2.65
N GLY B 112 -20.73 0.40 -2.40
CA GLY B 112 -19.38 0.37 -1.88
C GLY B 112 -19.20 1.41 -0.79
N ILE B 113 -18.64 1.04 0.36
CA ILE B 113 -18.44 1.96 1.47
C ILE B 113 -17.01 1.80 2.00
N ASP B 114 -16.48 2.88 2.58
CA ASP B 114 -15.17 2.78 3.22
C ASP B 114 -15.11 3.78 4.36
N ALA B 115 -14.35 3.42 5.39
CA ALA B 115 -14.12 4.28 6.54
C ALA B 115 -12.64 4.22 6.90
N GLU B 116 -12.07 5.38 7.25
CA GLU B 116 -10.68 5.46 7.67
C GLU B 116 -10.58 6.52 8.76
N PRO B 117 -9.61 6.39 9.66
CA PRO B 117 -9.34 7.50 10.57
C PRO B 117 -8.96 8.75 9.78
N HIS B 118 -9.41 9.91 10.27
CA HIS B 118 -9.16 11.17 9.56
C HIS B 118 -7.77 11.68 9.95
N ASP B 119 -6.75 11.07 9.34
CA ASP B 119 -5.35 11.36 9.60
C ASP B 119 -4.62 11.47 8.27
N VAL B 120 -3.46 12.15 8.28
CA VAL B 120 -2.61 12.19 7.10
C VAL B 120 -2.25 10.76 6.69
N LEU B 121 -2.09 10.54 5.38
CA LEU B 121 -1.65 9.23 4.92
C LEU B 121 -0.21 8.99 5.38
N PRO B 122 0.15 7.73 5.61
CA PRO B 122 1.57 7.43 5.90
C PRO B 122 2.45 7.92 4.77
N ASN B 123 3.70 8.26 5.12
CA ASN B 123 4.63 8.79 4.13
C ASN B 123 4.70 7.87 2.92
N GLY B 124 4.68 8.47 1.73
CA GLY B 124 4.85 7.75 0.47
C GLY B 124 3.60 7.12 -0.11
N VAL B 125 2.49 7.05 0.64
CA VAL B 125 1.33 6.32 0.16
C VAL B 125 0.53 7.15 -0.84
N LEU B 126 0.47 8.47 -0.63
CA LEU B 126 -0.32 9.33 -1.51
C LEU B 126 0.10 9.16 -2.97
N ASP B 127 1.40 9.16 -3.25
CA ASP B 127 1.82 9.02 -4.64
C ASP B 127 1.42 7.67 -5.23
N ALA B 128 1.26 6.64 -4.40
CA ALA B 128 0.90 5.32 -4.91
C ALA B 128 -0.60 5.14 -5.14
N ILE B 129 -1.44 6.03 -4.62
CA ILE B 129 -2.88 5.85 -4.73
C ILE B 129 -3.56 6.96 -5.50
N SER B 130 -2.83 7.95 -6.00
CA SER B 130 -3.46 9.10 -6.63
C SER B 130 -2.92 9.33 -8.03
N LEU B 131 -3.73 10.00 -8.82
CA LEU B 131 -3.22 10.56 -10.06
C LEU B 131 -2.70 11.97 -9.80
N PRO B 132 -1.76 12.44 -10.62
CA PRO B 132 -1.29 13.82 -10.44
C PRO B 132 -2.41 14.83 -10.49
N ALA B 133 -3.41 14.60 -11.36
CA ALA B 133 -4.53 15.54 -11.46
C ALA B 133 -5.30 15.64 -10.15
N GLU B 134 -5.41 14.54 -9.41
CA GLU B 134 -6.10 14.58 -8.11
C GLU B 134 -5.30 15.39 -7.10
N ARG B 135 -3.98 15.21 -7.06
CA ARG B 135 -3.19 15.99 -6.12
C ARG B 135 -3.26 17.49 -6.43
N ALA B 136 -3.45 17.82 -7.71
CA ALA B 136 -3.53 19.23 -8.07
C ALA B 136 -4.90 19.82 -7.75
N ASP B 137 -5.97 19.05 -7.95
CA ASP B 137 -7.33 19.60 -7.87
C ASP B 137 -7.95 19.52 -6.48
N MET B 138 -7.58 18.54 -5.66
N MET B 138 -7.61 18.50 -5.69
CA MET B 138 -8.26 18.40 -4.38
CA MET B 138 -8.19 18.34 -4.36
C MET B 138 -8.00 19.56 -3.41
C MET B 138 -8.00 19.56 -3.47
N PRO B 139 -6.79 20.11 -3.31
CA PRO B 139 -6.63 21.34 -2.50
C PRO B 139 -7.52 22.50 -2.97
N ARG B 140 -7.95 22.52 -4.22
CA ARG B 140 -8.81 23.59 -4.70
C ARG B 140 -10.30 23.34 -4.45
N THR B 141 -10.70 22.09 -4.20
CA THR B 141 -12.10 21.76 -4.00
C THR B 141 -12.44 21.30 -2.58
N MET B 142 -11.45 21.11 -1.72
CA MET B 142 -11.71 20.59 -0.40
C MET B 142 -11.39 21.62 0.68
N PRO B 143 -12.09 21.57 1.81
CA PRO B 143 -11.86 22.58 2.86
C PRO B 143 -10.43 22.50 3.37
N ALA B 144 -9.89 23.68 3.67
CA ALA B 144 -8.52 23.77 4.16
C ALA B 144 -8.35 22.93 5.42
N ALA B 145 -7.17 22.33 5.56
CA ALA B 145 -6.70 21.56 6.72
C ALA B 145 -7.33 20.17 6.82
N LEU B 146 -8.40 19.86 6.07
CA LEU B 146 -8.86 18.48 6.03
C LEU B 146 -7.82 17.62 5.31
N HIS B 147 -7.73 16.35 5.72
CA HIS B 147 -6.74 15.46 5.12
C HIS B 147 -7.31 14.90 3.82
N TRP B 148 -7.22 15.74 2.79
CA TRP B 148 -7.76 15.38 1.49
C TRP B 148 -7.09 14.13 0.92
N ASP B 149 -5.85 13.87 1.31
CA ASP B 149 -5.18 12.66 0.85
C ASP B 149 -5.87 11.40 1.36
N ARG B 150 -6.26 11.41 2.65
CA ARG B 150 -6.98 10.28 3.24
C ARG B 150 -8.39 10.16 2.68
N ILE B 151 -9.06 11.29 2.45
CA ILE B 151 -10.40 11.25 1.90
C ILE B 151 -10.38 10.71 0.47
N LEU B 152 -9.34 11.08 -0.29
CA LEU B 152 -9.16 10.53 -1.64
C LEU B 152 -8.97 9.01 -1.58
N PHE B 153 -8.13 8.54 -0.66
CA PHE B 153 -7.93 7.10 -0.55
C PHE B 153 -9.24 6.39 -0.20
N CYS B 154 -10.00 6.97 0.74
N CYS B 154 -10.01 6.95 0.74
CA CYS B 154 -11.30 6.42 1.11
CA CYS B 154 -11.30 6.36 1.06
C CYS B 154 -12.23 6.32 -0.10
C CYS B 154 -12.21 6.29 -0.16
N ALA B 155 -12.25 7.36 -0.94
CA ALA B 155 -13.10 7.34 -2.13
C ALA B 155 -12.65 6.31 -3.14
N LYS B 156 -11.33 6.14 -3.31
CA LYS B 156 -10.84 5.06 -4.17
C LYS B 156 -11.33 3.70 -3.68
N GLU B 157 -11.35 3.48 -2.35
CA GLU B 157 -11.74 2.18 -1.82
C GLU B 157 -13.22 1.93 -1.98
N ALA B 158 -14.07 2.93 -1.72
CA ALA B 158 -15.50 2.75 -1.97
C ALA B 158 -15.76 2.47 -3.44
N THR B 159 -15.00 3.14 -4.32
CA THR B 159 -15.14 2.90 -5.75
C THR B 159 -14.84 1.46 -6.11
N TYR B 160 -13.71 0.94 -5.60
CA TYR B 160 -13.34 -0.44 -5.91
C TYR B 160 -14.39 -1.40 -5.37
N LYS B 161 -14.93 -1.12 -4.17
CA LYS B 161 -15.89 -2.04 -3.57
C LYS B 161 -17.22 -2.04 -4.31
N ALA B 162 -17.60 -0.91 -4.92
CA ALA B 162 -18.82 -0.91 -5.72
C ALA B 162 -18.60 -1.54 -7.08
N TRP B 163 -17.37 -1.42 -7.60
CA TRP B 163 -17.01 -1.91 -8.93
C TRP B 163 -16.86 -3.42 -8.97
N PHE B 164 -16.15 -4.00 -7.99
CA PHE B 164 -15.74 -5.39 -8.12
C PHE B 164 -16.90 -6.38 -8.20
N PRO B 165 -17.97 -6.25 -7.41
CA PRO B 165 -19.08 -7.21 -7.54
C PRO B 165 -19.73 -7.20 -8.90
N LEU B 166 -19.59 -6.12 -9.66
CA LEU B 166 -20.21 -6.03 -10.97
C LEU B 166 -19.30 -6.50 -12.10
N THR B 167 -17.98 -6.40 -11.91
CA THR B 167 -17.04 -6.75 -12.98
C THR B 167 -16.20 -7.96 -12.65
N LYS B 168 -15.98 -8.23 -11.37
CA LYS B 168 -15.05 -9.25 -10.89
C LYS B 168 -13.65 -9.04 -11.44
N ARG B 169 -13.29 -7.79 -11.75
CA ARG B 169 -11.97 -7.48 -12.29
C ARG B 169 -11.23 -6.48 -11.41
N TRP B 170 -9.91 -6.51 -11.52
CA TRP B 170 -9.08 -5.55 -10.81
C TRP B 170 -9.31 -4.13 -11.30
N LEU B 171 -9.26 -3.17 -10.39
CA LEU B 171 -9.27 -1.75 -10.71
C LEU B 171 -8.11 -1.13 -9.95
N GLY B 172 -7.15 -0.58 -10.67
CA GLY B 172 -6.00 0.01 -10.01
C GLY B 172 -6.28 1.40 -9.50
N PHE B 173 -5.40 1.88 -8.61
CA PHE B 173 -5.58 3.22 -8.10
C PHE B 173 -5.44 4.27 -9.20
N GLU B 174 -4.69 3.96 -10.25
CA GLU B 174 -4.54 4.87 -11.38
C GLU B 174 -5.66 4.73 -12.41
N ASP B 175 -6.58 3.77 -12.24
CA ASP B 175 -7.64 3.50 -13.19
C ASP B 175 -8.94 4.22 -12.88
N ALA B 176 -8.99 5.01 -11.82
CA ALA B 176 -10.17 5.80 -11.49
C ALA B 176 -9.72 7.21 -11.14
N HIS B 177 -10.30 8.19 -11.82
CA HIS B 177 -10.02 9.58 -11.56
C HIS B 177 -11.22 10.16 -10.80
N ILE B 178 -10.96 10.74 -9.63
CA ILE B 178 -12.03 11.15 -8.73
C ILE B 178 -12.00 12.66 -8.56
N THR B 179 -13.14 13.29 -8.82
N THR B 179 -13.14 13.31 -8.81
CA THR B 179 -13.36 14.71 -8.63
CA THR B 179 -13.29 14.74 -8.63
C THR B 179 -14.24 14.92 -7.40
C THR B 179 -14.27 15.00 -7.48
N PHE B 180 -13.92 15.93 -6.60
CA PHE B 180 -14.66 16.18 -5.37
C PHE B 180 -15.34 17.54 -5.40
N GLU B 181 -16.45 17.62 -4.66
CA GLU B 181 -17.13 18.87 -4.35
C GLU B 181 -17.42 18.89 -2.86
N THR B 182 -17.57 20.09 -2.31
CA THR B 182 -17.85 20.26 -0.89
C THR B 182 -19.20 20.95 -0.75
N ASP B 183 -20.06 20.41 0.13
CA ASP B 183 -21.33 21.04 0.46
C ASP B 183 -21.10 22.39 1.16
N SER B 184 -22.18 23.15 1.33
CA SER B 184 -22.08 24.38 2.11
C SER B 184 -21.88 24.12 3.60
N THR B 185 -22.03 22.88 4.06
CA THR B 185 -21.80 22.57 5.47
C THR B 185 -20.31 22.52 5.80
N GLY B 186 -19.47 22.20 4.82
CA GLY B 186 -18.03 22.26 4.97
C GLY B 186 -17.35 20.96 5.35
N TRP B 187 -18.09 19.94 5.81
CA TRP B 187 -17.49 18.67 6.22
C TRP B 187 -18.11 17.48 5.50
N THR B 188 -18.95 17.72 4.49
CA THR B 188 -19.53 16.68 3.66
C THR B 188 -19.52 17.15 2.22
N GLY B 189 -19.67 16.22 1.29
CA GLY B 189 -19.73 16.61 -0.11
C GLY B 189 -19.92 15.42 -1.00
N ARG B 190 -19.78 15.66 -2.30
CA ARG B 190 -19.93 14.64 -3.32
C ARG B 190 -18.60 14.38 -3.99
N PHE B 191 -18.47 13.19 -4.57
CA PHE B 191 -17.36 12.90 -5.46
C PHE B 191 -17.88 12.10 -6.64
N VAL B 192 -17.14 12.17 -7.74
CA VAL B 192 -17.47 11.43 -8.94
C VAL B 192 -16.22 10.68 -9.38
N SER B 193 -16.31 9.35 -9.46
CA SER B 193 -15.20 8.52 -9.93
C SER B 193 -15.45 8.17 -11.40
N ARG B 194 -14.51 8.55 -12.26
CA ARG B 194 -14.56 8.22 -13.67
C ARG B 194 -13.58 7.09 -13.94
N ILE B 195 -14.08 5.97 -14.46
CA ILE B 195 -13.28 4.79 -14.75
C ILE B 195 -12.52 4.99 -16.05
N LEU B 196 -11.23 4.74 -16.01
CA LEU B 196 -10.36 4.98 -17.17
C LEU B 196 -10.11 3.71 -17.98
N ILE B 197 -10.53 2.55 -17.49
CA ILE B 197 -10.37 1.28 -18.20
C ILE B 197 -11.71 0.77 -18.70
N ASP B 198 -11.73 -0.38 -19.37
CA ASP B 198 -12.99 -0.95 -19.86
C ASP B 198 -13.88 -1.32 -18.68
N GLY B 199 -15.12 -0.85 -18.71
CA GLY B 199 -16.01 -1.03 -17.57
C GLY B 199 -17.09 -2.07 -17.78
N SER B 200 -16.86 -3.03 -18.69
CA SER B 200 -17.86 -4.06 -18.94
C SER B 200 -18.17 -4.85 -17.69
N THR B 201 -19.46 -5.13 -17.49
CA THR B 201 -19.96 -5.82 -16.31
C THR B 201 -20.56 -7.16 -16.68
N LEU B 202 -20.71 -8.02 -15.66
CA LEU B 202 -21.30 -9.33 -15.89
C LEU B 202 -22.70 -9.21 -16.49
N SER B 203 -23.46 -8.22 -16.02
CA SER B 203 -24.77 -7.94 -16.59
C SER B 203 -25.01 -6.44 -16.51
N GLY B 204 -25.88 -5.95 -17.40
CA GLY B 204 -26.25 -4.56 -17.42
C GLY B 204 -25.20 -3.69 -18.08
N PRO B 205 -25.40 -2.37 -18.01
CA PRO B 205 -24.54 -1.44 -18.75
C PRO B 205 -23.17 -1.27 -18.11
N PRO B 206 -22.17 -0.88 -18.89
CA PRO B 206 -20.81 -0.76 -18.34
C PRO B 206 -20.68 0.39 -17.34
N LEU B 207 -19.78 0.19 -16.38
CA LEU B 207 -19.50 1.19 -15.35
C LEU B 207 -18.51 2.21 -15.91
N THR B 208 -18.95 3.44 -16.11
N THR B 208 -18.96 3.44 -16.10
CA THR B 208 -18.05 4.51 -16.52
CA THR B 208 -18.12 4.53 -16.57
C THR B 208 -17.96 5.63 -15.49
C THR B 208 -17.98 5.66 -15.57
N THR B 209 -19.02 5.92 -14.78
CA THR B 209 -19.05 7.00 -13.80
C THR B 209 -19.73 6.48 -12.56
N LEU B 210 -19.11 6.69 -11.40
CA LEU B 210 -19.69 6.27 -10.13
C LEU B 210 -19.74 7.50 -9.23
N ARG B 211 -20.93 7.86 -8.81
CA ARG B 211 -21.13 9.03 -7.96
C ARG B 211 -21.28 8.59 -6.51
N GLY B 212 -20.60 9.29 -5.62
CA GLY B 212 -20.67 8.95 -4.21
C GLY B 212 -20.66 10.18 -3.32
N ARG B 213 -20.60 9.95 -2.00
CA ARG B 213 -20.57 11.02 -1.02
C ARG B 213 -19.45 10.76 -0.02
N TRP B 214 -18.93 11.85 0.56
CA TRP B 214 -17.90 11.77 1.58
C TRP B 214 -18.30 12.60 2.79
N SER B 215 -17.75 12.25 3.95
CA SER B 215 -18.07 12.96 5.18
C SER B 215 -16.92 12.78 6.16
N VAL B 216 -16.61 13.84 6.90
CA VAL B 216 -15.63 13.79 7.97
C VAL B 216 -16.34 14.15 9.27
N GLU B 217 -16.27 13.24 10.25
CA GLU B 217 -16.96 13.45 11.50
C GLU B 217 -16.41 12.53 12.56
N ARG B 218 -16.19 13.06 13.76
N ARG B 218 -16.20 13.06 13.76
CA ARG B 218 -15.74 12.28 14.91
CA ARG B 218 -15.74 12.28 14.91
C ARG B 218 -14.41 11.56 14.63
C ARG B 218 -14.42 11.56 14.61
N GLY B 219 -13.53 12.23 13.89
CA GLY B 219 -12.21 11.69 13.62
C GLY B 219 -12.16 10.62 12.57
N LEU B 220 -13.23 10.47 11.78
CA LEU B 220 -13.34 9.44 10.77
C LEU B 220 -13.73 10.06 9.45
N VAL B 221 -13.25 9.45 8.37
CA VAL B 221 -13.71 9.69 7.02
C VAL B 221 -14.65 8.56 6.63
N LEU B 222 -15.83 8.89 6.12
CA LEU B 222 -16.73 7.90 5.55
C LEU B 222 -16.98 8.24 4.09
N THR B 223 -17.03 7.21 3.24
CA THR B 223 -17.42 7.39 1.85
C THR B 223 -18.41 6.28 1.49
N ALA B 224 -19.32 6.59 0.57
CA ALA B 224 -20.24 5.56 0.09
C ALA B 224 -20.65 5.86 -1.34
N ILE B 225 -20.82 4.79 -2.12
CA ILE B 225 -21.39 4.80 -3.46
C ILE B 225 -22.58 3.86 -3.47
N VAL B 226 -23.73 4.35 -3.92
CA VAL B 226 -24.90 3.51 -4.09
C VAL B 226 -25.35 3.66 -5.55
N LEU B 227 -25.22 2.58 -6.32
CA LEU B 227 -25.59 2.60 -7.73
C LEU B 227 -27.01 2.09 -7.89
N ALA B 228 -27.88 2.93 -8.44
CA ALA B 228 -29.28 2.57 -8.59
C ALA B 228 -29.45 1.49 -9.64
N GLY B 229 -30.43 0.62 -9.41
CA GLY B 229 -30.75 -0.45 -10.34
C GLY B 229 -31.57 0.01 -11.53
N1A COA C . 14.46 7.31 -3.46
C2A COA C . 15.48 6.60 -2.84
N3A COA C . 15.63 6.29 -1.55
C4A COA C . 14.60 6.75 -0.76
C5A COA C . 13.49 7.50 -1.28
C6A COA C . 13.47 7.77 -2.66
N6A COA C . 12.43 8.48 -3.27
N7A COA C . 12.61 7.83 -0.22
C8A COA C . 13.21 7.28 0.87
N9A COA C . 14.42 6.63 0.59
C1B COA C . 15.33 5.90 1.60
C2B COA C . 15.46 6.73 2.90
O2B COA C . 16.79 6.82 3.21
C3B COA C . 14.54 5.90 3.91
O3B COA C . 15.03 5.81 5.13
P3B COA C . 15.13 7.20 6.20
O7A COA C . 13.72 7.69 6.12
O8A COA C . 15.57 6.61 7.53
O9A COA C . 16.18 8.03 5.46
C4B COA C . 14.68 4.52 3.30
O4B COA C . 14.77 4.70 1.90
C5B COA C . 13.51 3.69 3.73
O5B COA C . 13.71 2.50 3.21
P1A COA C . 12.66 1.23 3.64
O1A COA C . 11.31 1.90 3.44
O2A COA C . 13.01 0.16 2.66
O3A COA C . 12.97 0.93 5.09
MG MG D . 11.57 -1.11 2.06
MG MG E . 12.05 0.89 6.80
MG MG F . 9.95 -13.10 10.84
C01 0UD G . 4.81 1.15 -0.39
C02 0UD G . 5.13 2.53 -1.02
C03 0UD G . 3.85 3.33 -1.16
C04 0UD G . 6.22 3.31 -0.33
C05 0UD G . 5.90 4.01 0.82
C06 0UD G . 6.86 4.74 1.50
C07 0UD G . 8.17 4.76 1.05
C08 0UD G . 8.54 4.08 -0.10
C09 0UD G . 10.00 4.20 -0.51
C10 0UD G . 10.23 5.24 -1.59
C11 0UD G . 10.78 2.95 -0.81
C12 0UD G . 7.54 3.34 -0.80
C14 0UD G . 7.52 2.98 -3.26
C16 0UD G . 7.63 2.29 -5.66
C18 0UD G . 7.91 1.25 -7.93
C19 0UD G . 8.45 -0.04 -8.54
N13 0UD G . 7.80 2.57 -1.97
N15 0UD G . 7.85 2.01 -4.27
N17 0UD G . 8.03 1.19 -6.48
N20 0UD G . 7.15 3.37 -6.15
O21 0UD G . 7.04 4.07 -3.51
N1A COA H . -14.88 -6.17 -3.55
C2A COA H . -15.76 -5.71 -2.59
N3A COA H . -15.69 -5.80 -1.25
C4A COA H . -14.56 -6.46 -0.81
C5A COA H . -13.57 -7.00 -1.70
C6A COA H . -13.77 -6.83 -3.08
N6A COA H . -12.86 -7.31 -4.02
N7A COA H . -12.55 -7.59 -0.95
C8A COA H . -12.95 -7.42 0.33
N9A COA H . -14.17 -6.73 0.46
C1B COA H . -14.89 -6.35 1.75
C2B COA H . -14.85 -7.51 2.77
O2B COA H . -16.13 -7.67 3.23
C3B COA H . -13.79 -6.98 3.84
O3B COA H . -14.14 -7.25 5.10
P3B COA H . -14.06 -8.89 5.72
O7A COA H . -15.22 -9.56 4.99
O8A COA H . -14.29 -8.72 7.22
O9A COA H . -12.68 -9.27 5.31
C4B COA H . -13.99 -5.47 3.66
O4B COA H . -14.30 -5.26 2.29
C5B COA H . -12.74 -4.74 4.12
O5B COA H . -13.05 -3.46 4.12
P1A COA H . -11.93 -2.35 4.73
O1A COA H . -12.46 -1.02 4.23
O2A COA H . -10.65 -2.85 4.09
O3A COA H . -12.00 -2.55 6.23
MG MG I . -11.06 0.37 3.80
MG MG J . -10.81 -2.97 7.72
MG MG K . -8.16 9.52 15.33
C01 0UD L . -4.67 -1.06 0.04
C02 0UD L . -5.11 -2.14 -0.96
C03 0UD L . -3.91 -2.80 -1.61
C04 0UD L . -6.14 -3.12 -0.41
C05 0UD L . -5.73 -4.11 0.48
C06 0UD L . -6.65 -5.01 1.01
C07 0UD L . -7.99 -4.92 0.66
C08 0UD L . -8.42 -3.92 -0.22
C09 0UD L . -9.90 -3.87 -0.57
C10 0UD L . -10.28 -4.88 -1.66
C11 0UD L . -10.83 -4.06 0.65
C12 0UD L . -7.47 -3.03 -0.75
C14 0UD L . -7.77 -2.02 -3.01
C16 0UD L . -8.22 -0.66 -5.05
C18 0UD L . -8.83 1.04 -6.82
C19 0UD L . -9.52 2.38 -6.91
N13 0UD L . -7.87 -1.99 -1.62
N15 0UD L . -8.22 -0.82 -3.63
N17 0UD L . -8.73 0.63 -5.43
N20 0UD L . -7.84 -1.51 -5.91
O21 0UD L . -7.34 -2.99 -3.62
S DMS M . -0.37 1.01 -0.45
O DMS M . 0.36 -0.30 -0.35
C1 DMS M . -1.52 0.94 -1.85
C2 DMS M . -1.55 1.16 0.93
#